data_6KNM
#
_entry.id   6KNM
#
_cell.length_a   44.780
_cell.length_b   48.390
_cell.length_c   350.100
_cell.angle_alpha   90.000
_cell.angle_beta   90.000
_cell.angle_gamma   90.000
#
_symmetry.space_group_name_H-M   'P 21 21 21'
#
loop_
_entity.id
_entity.type
_entity.pdbx_description
1 polymer 'Apelin receptor,Rubredoxin,Apelin receptor'
2 polymer 'Single domain antibody JN241'
3 non-polymer 'ZINC ION'
#
loop_
_entity_poly.entity_id
_entity_poly.type
_entity_poly.pdbx_seq_one_letter_code
_entity_poly.pdbx_strand_id
1 'polypeptide(L)'
;MKTIIALSYIFCLVFADYKDDDDKFDNYYGADNQSECEYTDWKSSGALIPAIYMLVFLLGTTGNGLVLWTVFRSSREKRR
SADIFIASLAVADLTFVVTLPLWATYTYRDYDWPFGTFFCKLSSYLIFVNMYASAFCLTGLSFDRYLAIVRPVANARLRL
RVSGAVATAVLWVLAALLAMPVMVLRTTGDLENTNKVQCYMDYSMVATVSSEWAWEVGLGVSSTTVGFVVPFTIMLTCYF
FIAQTIAMKKYTCTVCGYIYNPEDGDPDNGVNPGTDFKDIPDDWVCPLCGVGKDQFEEVEERRRLLSIIVVLVVTFALCK
MPYHLVKTLYMLGSLLHWPCDFDLFLMNIFPYCTCISYVNSCLNPFLYAFFDPRFRQACTSMLLMGQSRLEVLFQGPHHH
HHHHHHH
;
B
2 'polypeptide(L)'
;QVQLVESGGGSVQSGGSLTLSCAASGSTYSSHCMGWFRQAPGKEREGVALMTRSRGTSYADSVKGRFTISQDNTKNILYL
QMNSLKPEDTAMYYCAAVPRAGIESGAYCKWNMKDSGSWGQGTQVTVSS
;
A
#
# COMPACT_ATOMS: atom_id res chain seq x y z
N GLU A 36 -13.64 22.86 -14.70
CA GLU A 36 -13.23 22.77 -16.09
C GLU A 36 -12.53 21.44 -16.38
N CYS A 37 -12.86 20.42 -15.56
CA CYS A 37 -11.95 19.31 -15.26
C CYS A 37 -12.69 17.99 -15.04
N GLU A 38 -12.24 16.92 -15.70
CA GLU A 38 -12.96 15.67 -15.66
C GLU A 38 -11.99 14.49 -15.54
N TYR A 39 -12.54 13.33 -15.19
CA TYR A 39 -11.77 12.23 -14.60
C TYR A 39 -11.92 10.94 -15.39
N THR A 40 -10.80 10.37 -15.85
CA THR A 40 -10.75 9.23 -16.76
C THR A 40 -9.35 8.64 -16.84
N ASP A 41 -9.30 7.32 -17.09
CA ASP A 41 -8.09 6.51 -16.89
C ASP A 41 -6.99 6.87 -17.89
N TRP A 42 -5.75 6.49 -17.54
CA TRP A 42 -4.61 6.54 -18.46
C TRP A 42 -4.68 5.39 -19.47
N LYS A 43 -3.92 5.55 -20.55
CA LYS A 43 -3.88 4.54 -21.60
C LYS A 43 -3.52 3.19 -21.02
N SER A 44 -4.40 2.19 -21.22
CA SER A 44 -4.27 0.92 -20.51
C SER A 44 -2.92 0.28 -20.76
N SER A 45 -2.47 -0.49 -19.76
CA SER A 45 -1.22 -1.23 -19.78
C SER A 45 -1.36 -2.62 -20.42
N GLY A 46 -2.52 -2.92 -20.98
CA GLY A 46 -2.78 -4.20 -21.59
C GLY A 46 -2.82 -5.31 -20.57
N ALA A 47 -1.89 -6.26 -20.70
CA ALA A 47 -1.76 -7.36 -19.75
C ALA A 47 -0.46 -7.24 -18.94
N LEU A 48 0.14 -6.06 -18.94
CA LEU A 48 1.43 -5.87 -18.31
C LEU A 48 1.40 -6.27 -16.84
N ILE A 49 0.45 -5.73 -16.08
CA ILE A 49 0.34 -6.10 -14.69
C ILE A 49 0.05 -7.59 -14.61
N PRO A 50 -1.10 -8.09 -15.08
CA PRO A 50 -1.41 -9.51 -14.84
C PRO A 50 -0.28 -10.44 -15.24
N ALA A 51 0.45 -10.11 -16.30
CA ALA A 51 1.70 -10.79 -16.60
C ALA A 51 2.61 -10.83 -15.38
N ILE A 52 2.96 -9.66 -14.86
CA ILE A 52 3.88 -9.59 -13.72
C ILE A 52 3.35 -10.40 -12.55
N TYR A 53 2.10 -10.12 -12.14
CA TYR A 53 1.35 -10.92 -11.17
C TYR A 53 1.59 -12.42 -11.27
N MET A 54 1.71 -12.96 -12.50
CA MET A 54 1.89 -14.40 -12.66
C MET A 54 3.35 -14.78 -12.54
N LEU A 55 4.21 -14.00 -13.19
CA LEU A 55 5.65 -14.03 -12.97
C LEU A 55 5.95 -14.11 -11.48
N VAL A 56 5.30 -13.26 -10.70
CA VAL A 56 5.57 -13.18 -9.26
C VAL A 56 4.97 -14.38 -8.53
N PHE A 57 3.71 -14.73 -8.83
CA PHE A 57 3.18 -15.99 -8.32
C PHE A 57 4.10 -17.15 -8.67
N LEU A 58 4.68 -17.13 -9.87
CA LEU A 58 5.52 -18.22 -10.30
C LEU A 58 6.81 -18.28 -9.49
N LEU A 59 7.60 -17.20 -9.55
CA LEU A 59 8.82 -17.14 -8.75
C LEU A 59 8.52 -17.16 -7.26
N GLY A 60 7.39 -16.58 -6.84
CA GLY A 60 7.11 -16.46 -5.42
C GLY A 60 6.75 -17.78 -4.76
N THR A 61 5.80 -18.52 -5.34
CA THR A 61 5.42 -19.82 -4.80
C THR A 61 6.61 -20.78 -4.76
N THR A 62 7.48 -20.67 -5.75
CA THR A 62 8.65 -21.53 -5.82
C THR A 62 9.84 -20.97 -5.04
N GLY A 63 9.84 -19.67 -4.72
CA GLY A 63 10.98 -19.08 -4.06
C GLY A 63 10.84 -19.09 -2.56
N ASN A 64 9.66 -18.73 -2.05
CA ASN A 64 9.43 -18.91 -0.64
C ASN A 64 9.23 -20.36 -0.29
N GLY A 65 8.74 -21.15 -1.26
CA GLY A 65 8.68 -22.58 -1.07
C GLY A 65 9.98 -23.14 -0.53
N LEU A 66 11.12 -22.56 -0.94
CA LEU A 66 12.44 -23.07 -0.55
C LEU A 66 12.83 -22.63 0.85
N VAL A 67 12.86 -21.31 1.09
CA VAL A 67 13.28 -20.74 2.36
C VAL A 67 12.35 -21.27 3.45
N LEU A 68 11.27 -21.93 3.05
CA LEU A 68 10.50 -22.66 4.04
C LEU A 68 11.01 -24.08 4.24
N TRP A 69 11.50 -24.72 3.17
CA TRP A 69 12.16 -26.01 3.37
C TRP A 69 13.55 -25.80 3.97
N THR A 70 14.30 -24.79 3.50
CA THR A 70 15.68 -24.62 3.96
C THR A 70 15.74 -24.35 5.46
N VAL A 71 14.77 -23.61 6.00
CA VAL A 71 14.76 -23.39 7.44
C VAL A 71 14.25 -24.63 8.16
N PHE A 72 13.38 -25.41 7.53
CA PHE A 72 12.87 -26.61 8.20
C PHE A 72 13.61 -27.88 7.80
N ARG A 73 14.36 -27.87 6.68
CA ARG A 73 15.28 -28.98 6.40
C ARG A 73 16.20 -29.21 7.57
N SER A 74 16.79 -28.13 8.10
CA SER A 74 17.41 -28.19 9.41
C SER A 74 16.37 -28.55 10.46
N SER A 75 16.68 -29.56 11.26
CA SER A 75 15.84 -30.05 12.33
C SER A 75 16.34 -29.64 13.70
N ARG A 76 17.48 -28.96 13.75
CA ARG A 76 18.22 -28.89 14.99
C ARG A 76 17.73 -27.74 15.86
N GLU A 77 18.38 -27.62 17.02
CA GLU A 77 18.52 -26.36 17.72
C GLU A 77 19.73 -25.58 17.19
N LYS A 78 20.12 -25.82 15.93
CA LYS A 78 20.97 -24.93 15.15
C LYS A 78 20.14 -23.98 14.28
N ARG A 79 18.92 -23.67 14.71
CA ARG A 79 18.12 -22.61 14.10
C ARG A 79 18.65 -21.26 14.56
N ARG A 80 19.09 -20.43 13.61
CA ARG A 80 19.63 -19.13 13.99
C ARG A 80 18.53 -18.26 14.62
N SER A 81 18.96 -17.37 15.51
CA SER A 81 18.06 -16.46 16.21
C SER A 81 17.03 -15.90 15.26
N ALA A 82 17.51 -15.14 14.28
CA ALA A 82 16.61 -14.50 13.35
C ALA A 82 16.13 -15.50 12.31
N ASP A 83 15.73 -16.71 12.72
CA ASP A 83 15.14 -17.64 11.77
C ASP A 83 13.65 -17.82 11.97
N ILE A 84 13.18 -17.73 13.21
CA ILE A 84 11.74 -17.81 13.44
C ILE A 84 11.02 -16.73 12.63
N PHE A 85 11.69 -15.60 12.37
CA PHE A 85 11.07 -14.56 11.59
C PHE A 85 11.21 -14.79 10.11
N ILE A 86 12.31 -15.41 9.67
CA ILE A 86 12.44 -15.65 8.23
C ILE A 86 11.42 -16.68 7.76
N ALA A 87 11.14 -17.69 8.59
CA ALA A 87 10.01 -18.57 8.33
C ALA A 87 8.73 -17.75 8.24
N SER A 88 8.38 -17.00 9.29
CA SER A 88 7.16 -16.20 9.24
C SER A 88 7.13 -15.28 8.02
N LEU A 89 8.27 -14.68 7.66
CA LEU A 89 8.29 -13.87 6.44
C LEU A 89 7.87 -14.69 5.23
N ALA A 90 8.34 -15.93 5.13
CA ALA A 90 8.04 -16.76 3.96
C ALA A 90 6.58 -17.17 3.91
N VAL A 91 5.96 -17.40 5.07
CA VAL A 91 4.60 -17.93 5.10
C VAL A 91 3.61 -16.87 4.62
N ALA A 92 3.76 -15.63 5.11
CA ALA A 92 2.82 -14.59 4.71
C ALA A 92 3.05 -14.17 3.25
N ASP A 93 4.32 -14.06 2.83
CA ASP A 93 4.59 -13.88 1.41
C ASP A 93 4.00 -15.00 0.58
N LEU A 94 3.98 -16.21 1.13
CA LEU A 94 3.44 -17.35 0.39
C LEU A 94 1.92 -17.29 0.30
N THR A 95 1.22 -17.29 1.46
CA THR A 95 -0.23 -17.26 1.43
C THR A 95 -0.74 -16.13 0.55
N PHE A 96 0.06 -15.08 0.38
CA PHE A 96 -0.31 -13.99 -0.52
C PHE A 96 -0.23 -14.43 -1.98
N VAL A 97 0.96 -14.85 -2.42
CA VAL A 97 1.23 -15.03 -3.84
C VAL A 97 0.42 -16.16 -4.43
N VAL A 98 -0.09 -17.06 -3.59
CA VAL A 98 -0.94 -18.12 -4.11
C VAL A 98 -2.25 -17.55 -4.66
N THR A 99 -2.70 -16.41 -4.12
CA THR A 99 -3.93 -15.78 -4.58
C THR A 99 -3.76 -14.98 -5.86
N LEU A 100 -2.52 -14.68 -6.26
CA LEU A 100 -2.25 -13.83 -7.42
C LEU A 100 -2.77 -14.37 -8.76
N PRO A 101 -2.97 -15.68 -8.93
CA PRO A 101 -3.82 -16.11 -10.04
C PRO A 101 -5.19 -15.48 -10.00
N LEU A 102 -5.74 -15.22 -8.81
CA LEU A 102 -7.04 -14.55 -8.74
C LEU A 102 -6.93 -13.09 -9.18
N TRP A 103 -5.99 -12.34 -8.58
CA TRP A 103 -5.81 -10.94 -8.96
C TRP A 103 -5.21 -10.78 -10.35
N ALA A 104 -4.68 -11.85 -10.92
CA ALA A 104 -4.16 -11.78 -12.28
C ALA A 104 -5.30 -11.78 -13.30
N THR A 105 -6.34 -12.59 -13.06
CA THR A 105 -7.52 -12.53 -13.94
C THR A 105 -8.29 -11.24 -13.74
N TYR A 106 -8.60 -10.88 -12.48
CA TYR A 106 -9.45 -9.71 -12.21
C TYR A 106 -8.89 -8.44 -12.86
N THR A 107 -7.59 -8.19 -12.72
CA THR A 107 -7.02 -7.05 -13.43
C THR A 107 -6.95 -7.29 -14.93
N TYR A 108 -6.92 -8.56 -15.36
CA TYR A 108 -6.83 -8.92 -16.79
C TYR A 108 -8.12 -8.60 -17.54
N ARG A 109 -9.26 -9.05 -17.01
CA ARG A 109 -10.56 -8.77 -17.61
C ARG A 109 -11.00 -7.35 -17.28
N ASP A 110 -10.03 -6.44 -17.13
CA ASP A 110 -10.27 -5.08 -16.63
C ASP A 110 -11.30 -5.09 -15.51
N TYR A 111 -10.96 -5.68 -14.37
CA TYR A 111 -11.78 -5.67 -13.17
C TYR A 111 -13.09 -6.47 -13.39
N ASP A 112 -12.93 -7.79 -13.39
CA ASP A 112 -14.03 -8.75 -13.39
C ASP A 112 -13.71 -9.91 -12.47
N TRP A 113 -14.43 -10.03 -11.36
CA TRP A 113 -14.16 -11.03 -10.32
C TRP A 113 -15.17 -12.16 -10.36
N PRO A 114 -14.90 -13.28 -11.06
CA PRO A 114 -15.90 -14.34 -11.18
C PRO A 114 -15.80 -15.40 -10.10
N PHE A 115 -15.32 -15.01 -8.91
CA PHE A 115 -15.04 -15.97 -7.85
C PHE A 115 -15.93 -15.75 -6.63
N GLY A 116 -17.04 -15.05 -6.77
CA GLY A 116 -17.92 -14.86 -5.64
C GLY A 116 -17.38 -13.98 -4.54
N THR A 117 -18.27 -13.61 -3.61
CA THR A 117 -17.92 -12.65 -2.56
C THR A 117 -16.88 -13.22 -1.59
N PHE A 118 -17.04 -14.49 -1.22
CA PHE A 118 -16.13 -15.14 -0.26
C PHE A 118 -14.67 -14.90 -0.61
N PHE A 119 -14.25 -15.36 -1.79
CA PHE A 119 -12.84 -15.21 -2.14
C PHE A 119 -12.45 -13.76 -2.20
N CYS A 120 -13.26 -12.94 -2.89
CA CYS A 120 -13.00 -11.52 -2.93
C CYS A 120 -12.85 -10.94 -1.52
N LYS A 121 -13.65 -11.40 -0.56
CA LYS A 121 -13.37 -11.07 0.84
C LYS A 121 -12.04 -11.68 1.28
N LEU A 122 -11.95 -13.01 1.23
CA LEU A 122 -10.80 -13.69 1.78
C LEU A 122 -9.53 -13.30 1.05
N SER A 123 -9.53 -13.45 -0.29
CA SER A 123 -8.35 -13.09 -1.06
C SER A 123 -7.89 -11.69 -0.72
N SER A 124 -8.83 -10.74 -0.62
CA SER A 124 -8.46 -9.40 -0.21
C SER A 124 -7.85 -9.42 1.17
N TYR A 125 -8.52 -10.10 2.10
CA TYR A 125 -8.09 -10.14 3.49
C TYR A 125 -6.63 -10.53 3.63
N LEU A 126 -6.10 -11.28 2.67
CA LEU A 126 -4.74 -11.79 2.70
C LEU A 126 -3.72 -10.83 2.08
N ILE A 127 -4.17 -9.88 1.25
CA ILE A 127 -3.29 -8.78 0.84
C ILE A 127 -2.74 -8.05 2.06
N PHE A 128 -3.66 -7.67 2.98
CA PHE A 128 -3.31 -6.85 4.12
C PHE A 128 -2.69 -7.64 5.26
N VAL A 129 -3.16 -8.87 5.48
CA VAL A 129 -2.49 -9.80 6.39
C VAL A 129 -0.99 -9.82 6.10
N ASN A 130 -0.63 -10.22 4.88
CA ASN A 130 0.77 -10.24 4.47
C ASN A 130 1.45 -8.91 4.74
N MET A 131 0.77 -7.80 4.46
CA MET A 131 1.43 -6.50 4.55
C MET A 131 1.75 -6.13 5.99
N TYR A 132 0.85 -6.46 6.92
CA TYR A 132 1.17 -6.24 8.33
C TYR A 132 2.23 -7.22 8.82
N ALA A 133 2.10 -8.50 8.44
CA ALA A 133 3.11 -9.47 8.84
C ALA A 133 4.48 -9.07 8.32
N SER A 134 4.59 -8.82 7.01
CA SER A 134 5.88 -8.50 6.40
C SER A 134 6.56 -7.35 7.12
N ALA A 135 5.78 -6.33 7.49
CA ALA A 135 6.32 -5.27 8.32
C ALA A 135 6.71 -5.79 9.70
N PHE A 136 5.80 -6.50 10.37
CA PHE A 136 6.03 -6.88 11.76
C PHE A 136 7.17 -7.85 11.86
N CYS A 137 7.36 -8.70 10.84
CA CYS A 137 8.53 -9.57 10.82
C CYS A 137 9.81 -8.76 10.69
N LEU A 138 9.87 -7.91 9.68
CA LEU A 138 11.10 -7.18 9.38
C LEU A 138 11.58 -6.29 10.52
N THR A 139 10.72 -5.98 11.50
CA THR A 139 11.20 -5.26 12.68
C THR A 139 11.58 -6.21 13.80
N GLY A 140 10.88 -7.35 13.94
CA GLY A 140 11.35 -8.38 14.86
C GLY A 140 12.65 -9.00 14.38
N LEU A 141 12.75 -9.22 13.07
CA LEU A 141 14.05 -9.47 12.47
C LEU A 141 15.06 -8.42 12.90
N SER A 142 14.68 -7.14 12.93
CA SER A 142 15.61 -6.11 13.38
C SER A 142 15.75 -6.09 14.89
N PHE A 143 14.65 -6.13 15.64
CA PHE A 143 14.76 -6.12 17.10
C PHE A 143 15.56 -7.30 17.61
N ASP A 144 15.73 -8.33 16.80
CA ASP A 144 16.71 -9.36 17.08
C ASP A 144 18.12 -8.77 17.14
N ARG A 145 18.55 -8.13 16.06
CA ARG A 145 19.88 -7.57 16.01
C ARG A 145 20.06 -6.41 16.98
N TYR A 146 19.01 -5.70 17.41
CA TYR A 146 19.25 -4.69 18.45
C TYR A 146 19.48 -5.34 19.80
N LEU A 147 18.59 -6.26 20.18
CA LEU A 147 18.81 -7.04 21.40
C LEU A 147 20.17 -7.70 21.35
N ALA A 148 20.48 -8.35 20.22
CA ALA A 148 21.75 -9.05 20.08
C ALA A 148 22.92 -8.06 20.14
N ILE A 149 22.93 -7.09 19.22
CA ILE A 149 24.13 -6.33 18.95
C ILE A 149 24.25 -5.06 19.80
N VAL A 150 23.32 -4.80 20.71
CA VAL A 150 23.55 -3.72 21.67
C VAL A 150 23.38 -4.24 23.09
N ARG A 151 22.52 -5.24 23.27
CA ARG A 151 22.33 -5.86 24.58
C ARG A 151 22.02 -4.80 25.63
N PRO A 152 20.83 -4.19 25.62
CA PRO A 152 20.53 -3.18 26.65
C PRO A 152 20.57 -3.71 28.07
N VAL A 153 20.14 -4.94 28.30
CA VAL A 153 20.23 -5.58 29.61
C VAL A 153 21.34 -6.64 29.56
N ALA A 154 21.69 -7.17 30.75
CA ALA A 154 22.64 -8.26 30.86
C ALA A 154 22.04 -9.56 30.28
N ASN A 155 22.92 -10.52 29.98
CA ASN A 155 22.59 -11.56 29.00
C ASN A 155 21.62 -12.62 29.54
N ALA A 156 21.60 -12.86 30.86
CA ALA A 156 20.58 -13.74 31.42
C ALA A 156 19.17 -13.14 31.29
N ARG A 157 19.03 -11.84 31.59
CA ARG A 157 17.75 -11.13 31.48
C ARG A 157 17.38 -10.72 30.05
N LEU A 158 18.24 -10.99 29.07
CA LEU A 158 17.97 -10.56 27.70
C LEU A 158 16.93 -11.43 27.03
N ARG A 159 16.72 -12.67 27.54
CA ARG A 159 15.73 -13.63 27.05
C ARG A 159 15.46 -13.48 25.56
N LEU A 160 16.43 -13.85 24.73
CA LEU A 160 16.40 -13.46 23.32
C LEU A 160 15.55 -14.40 22.47
N ARG A 161 15.58 -15.70 22.74
CA ARG A 161 14.72 -16.61 22.00
C ARG A 161 13.25 -16.29 22.22
N VAL A 162 12.84 -16.22 23.49
CA VAL A 162 11.47 -15.86 23.85
C VAL A 162 11.07 -14.54 23.20
N SER A 163 11.86 -13.49 23.46
CA SER A 163 11.61 -12.21 22.79
C SER A 163 11.61 -12.37 21.28
N GLY A 164 12.37 -13.34 20.76
CA GLY A 164 12.20 -13.72 19.37
C GLY A 164 10.90 -14.47 19.12
N ALA A 165 10.46 -15.27 20.09
CA ALA A 165 9.33 -16.16 19.88
C ALA A 165 8.01 -15.59 20.34
N VAL A 166 7.97 -14.88 21.47
CA VAL A 166 6.77 -14.12 21.82
C VAL A 166 6.48 -13.04 20.77
N ALA A 167 7.54 -12.44 20.23
CA ALA A 167 7.41 -11.58 19.08
C ALA A 167 6.65 -12.26 17.95
N THR A 168 7.01 -13.52 17.64
CA THR A 168 6.46 -14.13 16.44
C THR A 168 5.00 -14.51 16.65
N ALA A 169 4.58 -14.74 17.89
CA ALA A 169 3.20 -15.13 18.12
C ALA A 169 2.26 -13.93 18.04
N VAL A 170 2.49 -12.92 18.89
CA VAL A 170 1.65 -11.73 18.88
C VAL A 170 1.73 -11.01 17.54
N LEU A 171 2.82 -11.21 16.80
CA LEU A 171 2.91 -10.75 15.42
C LEU A 171 1.73 -11.25 14.60
N TRP A 172 1.61 -12.58 14.48
CA TRP A 172 0.58 -13.18 13.65
C TRP A 172 -0.82 -12.81 14.14
N VAL A 173 -0.96 -12.49 15.43
CA VAL A 173 -2.29 -12.18 15.96
C VAL A 173 -2.69 -10.73 15.64
N LEU A 174 -1.76 -9.77 15.76
CA LEU A 174 -2.03 -8.43 15.24
C LEU A 174 -2.40 -8.49 13.77
N ALA A 175 -1.44 -8.90 12.93
CA ALA A 175 -1.55 -8.78 11.49
C ALA A 175 -2.80 -9.46 10.96
N ALA A 176 -3.32 -10.46 11.68
CA ALA A 176 -4.63 -11.01 11.33
C ALA A 176 -5.74 -10.17 11.92
N LEU A 177 -5.67 -9.87 13.22
CA LEU A 177 -6.71 -9.05 13.82
C LEU A 177 -6.89 -7.76 13.05
N LEU A 178 -5.86 -6.90 13.03
CA LEU A 178 -6.12 -5.60 12.42
C LEU A 178 -6.36 -5.68 10.91
N ALA A 179 -6.23 -6.85 10.29
CA ALA A 179 -6.57 -7.00 8.87
C ALA A 179 -8.06 -7.26 8.60
N MET A 180 -8.91 -7.34 9.64
CA MET A 180 -10.31 -7.77 9.56
C MET A 180 -11.28 -6.85 8.82
N PRO A 181 -11.24 -5.52 9.01
CA PRO A 181 -12.16 -4.67 8.25
C PRO A 181 -12.08 -4.93 6.78
N VAL A 182 -10.95 -5.45 6.31
CA VAL A 182 -10.85 -5.84 4.91
C VAL A 182 -11.53 -7.19 4.70
N MET A 183 -11.61 -8.03 5.73
CA MET A 183 -12.36 -9.26 5.57
C MET A 183 -13.85 -8.99 5.59
N VAL A 184 -14.29 -8.18 6.56
CA VAL A 184 -15.72 -7.98 6.76
C VAL A 184 -16.33 -7.07 5.70
N LEU A 185 -15.65 -5.99 5.34
CA LEU A 185 -16.22 -4.91 4.55
C LEU A 185 -16.04 -5.08 3.06
N ARG A 186 -14.90 -5.57 2.62
CA ARG A 186 -14.73 -5.78 1.18
C ARG A 186 -15.83 -6.68 0.67
N THR A 187 -16.57 -6.21 -0.32
CA THR A 187 -17.54 -7.04 -1.02
C THR A 187 -17.34 -6.90 -2.52
N THR A 188 -18.09 -7.70 -3.27
CA THR A 188 -18.18 -7.60 -4.72
C THR A 188 -19.37 -6.72 -5.13
N GLY A 189 -19.39 -6.37 -6.40
CA GLY A 189 -20.50 -5.59 -6.91
C GLY A 189 -20.16 -4.83 -8.18
N ASP A 190 -21.04 -4.88 -9.17
CA ASP A 190 -20.85 -4.10 -10.39
C ASP A 190 -21.13 -2.64 -10.07
N LEU A 191 -20.07 -1.89 -9.79
CA LEU A 191 -20.23 -0.45 -9.83
C LEU A 191 -20.36 0.02 -11.26
N GLU A 192 -21.06 1.14 -11.44
CA GLU A 192 -20.88 1.99 -12.61
C GLU A 192 -21.59 1.50 -13.89
N ASN A 193 -22.41 0.44 -13.82
CA ASN A 193 -23.20 -0.06 -14.95
C ASN A 193 -22.31 -0.46 -16.14
N THR A 194 -21.70 -1.64 -16.00
CA THR A 194 -20.71 -2.03 -17.00
C THR A 194 -20.62 -3.52 -17.30
N ASN A 195 -21.44 -4.38 -16.69
CA ASN A 195 -21.40 -5.83 -16.93
C ASN A 195 -20.05 -6.44 -16.48
N LYS A 196 -19.46 -5.86 -15.42
CA LYS A 196 -18.20 -6.33 -14.85
C LYS A 196 -18.27 -6.18 -13.34
N VAL A 197 -18.02 -7.26 -12.61
CA VAL A 197 -18.02 -7.21 -11.15
C VAL A 197 -16.72 -6.59 -10.66
N GLN A 198 -16.81 -5.84 -9.56
CA GLN A 198 -15.65 -5.28 -8.92
C GLN A 198 -15.64 -5.70 -7.45
N CYS A 199 -14.45 -6.10 -7.00
CA CYS A 199 -14.16 -6.29 -5.59
C CYS A 199 -13.75 -4.93 -5.04
N TYR A 200 -14.29 -4.57 -3.88
CA TYR A 200 -14.08 -3.22 -3.38
C TYR A 200 -14.47 -3.11 -1.92
N MET A 201 -13.92 -2.08 -1.29
CA MET A 201 -14.29 -1.74 0.08
C MET A 201 -15.61 -0.99 0.05
N ASP A 202 -16.57 -1.46 0.83
CA ASP A 202 -17.93 -0.91 0.83
C ASP A 202 -18.23 -0.39 2.23
N TYR A 203 -18.12 0.91 2.40
CA TYR A 203 -18.34 1.48 3.72
C TYR A 203 -19.80 1.56 4.10
N SER A 204 -20.64 0.75 3.48
CA SER A 204 -22.08 0.92 3.66
C SER A 204 -22.58 0.32 4.96
N MET A 205 -21.94 -0.73 5.49
CA MET A 205 -22.23 -1.09 6.86
C MET A 205 -21.94 0.10 7.76
N VAL A 206 -20.68 0.54 7.78
CA VAL A 206 -20.22 1.40 8.86
C VAL A 206 -20.66 2.85 8.69
N ALA A 207 -20.86 3.31 7.46
CA ALA A 207 -20.92 4.74 7.19
C ALA A 207 -22.31 5.17 6.76
N THR A 208 -22.46 6.50 6.71
CA THR A 208 -23.47 7.19 5.91
C THR A 208 -22.74 7.95 4.80
N VAL A 209 -23.49 8.38 3.78
CA VAL A 209 -22.86 8.77 2.51
C VAL A 209 -21.90 9.95 2.66
N SER A 210 -22.15 10.86 3.61
CA SER A 210 -21.22 11.97 3.83
C SER A 210 -20.03 11.60 4.72
N SER A 211 -20.24 10.79 5.76
CA SER A 211 -19.15 10.24 6.54
C SER A 211 -18.44 9.07 5.84
N GLU A 212 -18.89 8.66 4.65
CA GLU A 212 -18.32 7.48 4.02
C GLU A 212 -16.84 7.68 3.72
N TRP A 213 -16.48 8.80 3.09
CA TRP A 213 -15.08 9.07 2.82
C TRP A 213 -14.26 9.13 4.09
N ALA A 214 -14.89 9.41 5.24
CA ALA A 214 -14.13 9.39 6.49
C ALA A 214 -13.58 8.01 6.80
N TRP A 215 -14.41 6.98 6.67
CA TRP A 215 -13.97 5.62 6.97
C TRP A 215 -12.98 5.10 5.94
N GLU A 216 -13.04 5.59 4.71
CA GLU A 216 -11.96 5.32 3.77
C GLU A 216 -10.66 5.93 4.27
N VAL A 217 -10.74 7.14 4.82
CA VAL A 217 -9.53 7.85 5.24
C VAL A 217 -8.97 7.28 6.56
N GLY A 218 -9.83 7.05 7.55
CA GLY A 218 -9.38 6.50 8.81
C GLY A 218 -8.86 5.08 8.67
N LEU A 219 -9.60 4.22 7.97
CA LEU A 219 -9.12 2.85 7.81
C LEU A 219 -7.90 2.78 6.91
N GLY A 220 -7.63 3.84 6.14
CA GLY A 220 -6.43 3.91 5.33
C GLY A 220 -5.24 4.43 6.10
N VAL A 221 -5.43 5.49 6.89
CA VAL A 221 -4.30 6.03 7.67
C VAL A 221 -4.01 5.15 8.87
N SER A 222 -4.97 4.34 9.33
CA SER A 222 -4.59 3.25 10.22
C SER A 222 -3.59 2.37 9.51
N SER A 223 -4.03 1.63 8.47
CA SER A 223 -3.23 0.63 7.79
C SER A 223 -1.78 1.07 7.62
N THR A 224 -1.55 2.17 6.90
CA THR A 224 -0.19 2.61 6.64
C THR A 224 0.52 3.03 7.94
N THR A 225 -0.19 3.64 8.90
CA THR A 225 0.50 4.04 10.13
C THR A 225 1.02 2.83 10.91
N VAL A 226 0.11 1.96 11.38
CA VAL A 226 0.52 0.70 12.00
C VAL A 226 1.36 -0.13 11.05
N GLY A 227 0.94 -0.16 9.79
CA GLY A 227 1.61 -0.89 8.76
C GLY A 227 2.98 -0.45 8.30
N PHE A 228 3.19 0.84 8.18
CA PHE A 228 4.46 1.32 7.68
C PHE A 228 5.25 2.33 8.45
N VAL A 229 4.62 3.36 8.97
CA VAL A 229 5.42 4.40 9.63
C VAL A 229 5.87 3.93 11.03
N VAL A 230 5.02 3.23 11.77
CA VAL A 230 5.47 2.67 13.05
C VAL A 230 6.56 1.63 12.81
N PRO A 231 6.34 0.60 11.97
CA PRO A 231 7.43 -0.38 11.80
C PRO A 231 8.68 0.27 11.25
N PHE A 232 8.56 1.07 10.20
CA PHE A 232 9.76 1.49 9.50
C PHE A 232 10.63 2.39 10.36
N THR A 233 10.02 3.23 11.18
CA THR A 233 10.84 4.00 12.11
C THR A 233 11.41 3.11 13.20
N ILE A 234 10.66 2.08 13.63
CA ILE A 234 11.24 1.12 14.57
C ILE A 234 12.52 0.53 14.01
N MET A 235 12.45 -0.03 12.79
CA MET A 235 13.66 -0.54 12.14
C MET A 235 14.71 0.54 11.95
N LEU A 236 14.30 1.77 11.64
CA LEU A 236 15.28 2.85 11.65
C LEU A 236 15.79 3.10 13.05
N THR A 237 14.93 3.10 14.06
CA THR A 237 15.39 3.28 15.44
C THR A 237 16.36 2.17 15.83
N CYS A 238 15.96 0.91 15.63
CA CYS A 238 16.89 -0.20 15.83
C CYS A 238 18.17 0.02 15.03
N TYR A 239 18.07 0.26 13.72
CA TYR A 239 19.25 0.38 12.87
C TYR A 239 20.19 1.47 13.35
N PHE A 240 19.70 2.46 14.08
CA PHE A 240 20.55 3.54 14.58
C PHE A 240 21.45 3.09 15.73
N PHE A 241 20.83 2.77 16.88
CA PHE A 241 21.55 2.31 18.05
C PHE A 241 22.51 1.18 17.76
N ILE A 242 22.22 0.38 16.72
CA ILE A 242 23.17 -0.65 16.30
C ILE A 242 24.45 -0.03 15.76
N ALA A 243 24.36 1.11 15.07
CA ALA A 243 25.58 1.68 14.50
C ALA A 243 26.45 2.42 15.53
N GLN A 244 25.84 3.04 16.55
CA GLN A 244 26.64 3.80 17.52
C GLN A 244 27.29 2.93 18.57
N THR A 245 26.95 1.64 18.62
CA THR A 245 27.78 0.70 19.34
C THR A 245 28.66 -0.11 18.40
N ILE A 246 28.14 -0.40 17.23
CA ILE A 246 28.95 -0.99 16.18
C ILE A 246 30.01 0.06 15.82
N ALA A 247 29.70 1.31 16.05
CA ALA A 247 30.53 2.44 15.75
C ALA A 247 31.99 2.28 16.06
N MET A 248 32.31 2.26 17.35
CA MET A 248 33.71 2.15 17.76
C MET A 248 34.26 0.81 17.38
N LYS A 249 35.54 0.76 17.06
CA LYS A 249 36.12 -0.47 16.51
C LYS A 249 37.17 -1.06 17.44
N LYS A 250 37.10 -2.39 17.63
CA LYS A 250 38.21 -3.13 18.21
C LYS A 250 39.42 -3.06 17.28
N TYR A 251 40.58 -3.41 17.83
CA TYR A 251 41.83 -3.29 17.09
C TYR A 251 42.81 -4.32 17.62
N THR A 252 43.33 -5.19 16.75
CA THR A 252 44.27 -6.23 17.15
C THR A 252 45.70 -5.82 16.81
N CYS A 253 46.60 -6.03 17.78
CA CYS A 253 48.01 -5.82 17.54
C CYS A 253 48.55 -6.92 16.65
N THR A 254 49.05 -6.53 15.48
CA THR A 254 49.43 -7.50 14.47
C THR A 254 50.69 -8.28 14.85
N VAL A 255 51.45 -7.81 15.84
CA VAL A 255 52.73 -8.41 16.24
C VAL A 255 52.60 -9.26 17.50
N CYS A 256 51.94 -8.71 18.53
CA CYS A 256 51.86 -9.37 19.83
C CYS A 256 50.47 -9.88 20.19
N GLY A 257 49.41 -9.48 19.48
CA GLY A 257 48.11 -10.12 19.58
C GLY A 257 47.09 -9.40 20.45
N TYR A 258 47.53 -8.51 21.34
CA TYR A 258 46.61 -7.82 22.25
C TYR A 258 45.56 -7.06 21.46
N ILE A 259 44.31 -7.17 21.88
CA ILE A 259 43.23 -6.49 21.18
C ILE A 259 42.78 -5.30 22.02
N TYR A 260 42.47 -4.20 21.34
CA TYR A 260 42.13 -2.92 21.95
C TYR A 260 40.64 -2.64 21.69
N ASN A 261 39.82 -2.91 22.66
CA ASN A 261 38.41 -2.58 22.61
C ASN A 261 38.18 -1.17 23.16
N PRO A 262 37.49 -0.29 22.42
CA PRO A 262 37.30 1.08 22.91
C PRO A 262 36.40 1.19 24.13
N GLU A 263 35.58 0.18 24.46
CA GLU A 263 34.84 0.21 25.72
C GLU A 263 35.81 0.17 26.90
N ASP A 264 36.73 -0.77 26.86
CA ASP A 264 37.69 -0.91 27.96
C ASP A 264 38.76 0.17 27.90
N GLY A 265 39.31 0.42 26.71
CA GLY A 265 40.39 1.41 26.57
C GLY A 265 41.75 0.85 26.95
N ASP A 266 42.66 1.78 27.33
CA ASP A 266 43.95 1.40 27.91
C ASP A 266 44.30 2.43 28.98
N PRO A 267 43.48 2.54 30.03
CA PRO A 267 43.63 3.66 30.96
C PRO A 267 44.88 3.57 31.80
N ASP A 268 45.50 2.41 31.86
CA ASP A 268 46.76 2.26 32.60
C ASP A 268 47.88 3.08 31.96
N ASN A 269 47.72 3.44 30.69
CA ASN A 269 48.76 4.11 29.92
C ASN A 269 48.34 5.51 29.50
N GLY A 270 47.43 6.10 30.26
CA GLY A 270 46.90 7.40 29.98
C GLY A 270 45.56 7.39 29.26
N VAL A 271 45.37 6.48 28.31
CA VAL A 271 44.25 6.56 27.35
C VAL A 271 43.05 5.82 27.94
N ASN A 272 42.19 6.61 28.60
CA ASN A 272 40.86 6.34 29.17
C ASN A 272 39.92 5.54 28.28
N PRO A 273 38.89 4.90 28.85
CA PRO A 273 37.92 4.15 28.05
C PRO A 273 37.02 5.03 27.20
N GLY A 274 36.25 4.36 26.34
CA GLY A 274 35.37 5.07 25.44
C GLY A 274 36.06 5.85 24.35
N THR A 275 37.40 5.83 24.32
CA THR A 275 38.16 6.45 23.25
C THR A 275 38.33 5.49 22.09
N ASP A 276 38.30 6.02 20.88
CA ASP A 276 38.56 5.22 19.71
C ASP A 276 40.03 5.36 19.32
N PHE A 277 40.43 4.54 18.36
CA PHE A 277 41.84 4.26 18.13
C PHE A 277 42.59 5.44 17.50
N LYS A 278 42.02 6.07 16.47
CA LYS A 278 42.73 7.15 15.77
C LYS A 278 42.93 8.38 16.64
N ASP A 279 42.15 8.52 17.71
CA ASP A 279 42.35 9.59 18.69
C ASP A 279 43.46 9.28 19.68
N ILE A 280 43.79 8.01 19.91
CA ILE A 280 44.87 7.70 20.83
C ILE A 280 46.11 8.43 20.33
N PRO A 281 46.68 9.31 21.14
CA PRO A 281 47.88 10.06 20.74
C PRO A 281 48.88 9.18 20.01
N ASP A 282 49.40 9.71 18.90
CA ASP A 282 50.23 8.96 17.94
C ASP A 282 51.55 8.48 18.55
N ASP A 283 51.88 8.91 19.77
CA ASP A 283 52.96 8.33 20.54
C ASP A 283 52.56 7.05 21.27
N TRP A 284 51.29 6.69 21.25
CA TRP A 284 50.83 5.51 21.95
C TRP A 284 51.43 4.28 21.31
N VAL A 285 51.79 3.30 22.14
CA VAL A 285 52.30 2.03 21.65
C VAL A 285 51.61 0.91 22.38
N CYS A 286 51.78 -0.29 21.84
CA CYS A 286 51.11 -1.47 22.35
C CYS A 286 51.47 -1.65 23.81
N PRO A 287 50.50 -1.72 24.72
CA PRO A 287 50.84 -1.97 26.12
C PRO A 287 51.64 -3.26 26.35
N LEU A 288 51.52 -4.24 25.45
CA LEU A 288 52.12 -5.54 25.70
C LEU A 288 53.53 -5.68 25.11
N CYS A 289 53.78 -5.10 23.92
CA CYS A 289 55.12 -5.20 23.33
C CYS A 289 55.73 -3.85 22.99
N GLY A 290 54.94 -2.89 22.59
CA GLY A 290 55.43 -1.55 22.37
C GLY A 290 55.68 -1.16 20.94
N VAL A 291 55.01 -1.80 19.97
CA VAL A 291 54.94 -1.28 18.60
C VAL A 291 53.92 -0.16 18.54
N GLY A 292 54.17 0.83 17.66
CA GLY A 292 53.28 1.97 17.51
C GLY A 292 52.06 1.67 16.65
N LYS A 293 51.16 2.63 16.63
CA LYS A 293 49.86 2.52 16.02
C LYS A 293 50.00 2.13 14.57
N ASP A 294 51.20 2.27 14.05
CA ASP A 294 51.57 1.93 12.71
C ASP A 294 51.30 0.47 12.38
N GLN A 295 51.46 -0.44 13.32
CA GLN A 295 51.22 -1.84 13.11
C GLN A 295 49.91 -2.46 13.56
N PHE A 296 48.88 -1.69 13.90
CA PHE A 296 47.68 -2.34 14.39
C PHE A 296 46.78 -2.75 13.21
N GLU A 297 45.55 -3.20 13.51
CA GLU A 297 44.66 -3.77 12.48
C GLU A 297 43.22 -3.73 12.96
N GLU A 298 42.40 -2.89 12.36
CA GLU A 298 40.99 -2.91 12.67
C GLU A 298 40.35 -4.24 12.27
N VAL A 299 39.61 -4.84 13.19
CA VAL A 299 38.76 -5.99 12.87
C VAL A 299 37.40 -5.49 12.41
N GLU A 300 36.96 -6.00 11.26
CA GLU A 300 35.67 -5.69 10.71
C GLU A 300 35.05 -7.03 10.80
N GLU A 301 34.41 -7.23 11.95
CA GLU A 301 33.75 -8.45 12.35
C GLU A 301 32.61 -8.87 11.48
N ARG A 302 32.94 -9.55 10.40
CA ARG A 302 31.98 -10.03 9.43
C ARG A 302 30.65 -10.56 9.90
N ARG A 303 29.64 -9.71 9.95
CA ARG A 303 28.27 -10.15 10.27
C ARG A 303 27.44 -10.31 9.02
N ARG A 304 26.71 -11.41 8.89
CA ARG A 304 25.87 -11.53 7.71
C ARG A 304 24.41 -11.42 8.09
N LEU A 305 24.04 -11.84 9.30
CA LEU A 305 22.69 -11.63 9.80
C LEU A 305 22.29 -10.17 9.66
N LEU A 306 23.14 -9.25 10.11
CA LEU A 306 22.76 -7.85 10.01
C LEU A 306 22.74 -7.39 8.57
N SER A 307 23.70 -7.84 7.77
CA SER A 307 23.79 -7.32 6.40
C SER A 307 22.63 -7.81 5.52
N ILE A 308 22.04 -8.96 5.85
CA ILE A 308 20.84 -9.36 5.11
C ILE A 308 19.63 -8.55 5.57
N ILE A 309 19.49 -8.40 6.89
CA ILE A 309 18.33 -7.76 7.46
C ILE A 309 18.16 -6.33 6.96
N VAL A 310 19.23 -5.69 6.48
CA VAL A 310 19.02 -4.38 5.87
C VAL A 310 18.69 -4.49 4.39
N VAL A 311 19.36 -5.39 3.67
CA VAL A 311 19.06 -5.53 2.25
C VAL A 311 17.60 -5.95 2.07
N LEU A 312 17.10 -6.76 3.00
CA LEU A 312 15.66 -7.00 3.07
C LEU A 312 14.93 -5.68 3.28
N VAL A 313 15.25 -4.98 4.37
CA VAL A 313 14.51 -3.77 4.71
C VAL A 313 14.63 -2.71 3.61
N VAL A 314 15.85 -2.52 3.08
CA VAL A 314 16.00 -1.42 2.13
C VAL A 314 15.34 -1.75 0.80
N THR A 315 15.16 -3.02 0.44
CA THR A 315 14.23 -3.26 -0.66
C THR A 315 12.78 -3.31 -0.21
N PHE A 316 12.52 -3.80 1.02
CA PHE A 316 11.17 -3.74 1.56
C PHE A 316 10.63 -2.32 1.47
N ALA A 317 11.36 -1.37 2.04
CA ALA A 317 10.92 0.02 2.04
C ALA A 317 11.16 0.71 0.71
N LEU A 318 11.67 0.00 -0.30
CA LEU A 318 11.70 0.58 -1.65
C LEU A 318 10.49 0.18 -2.49
N CYS A 319 9.95 -1.03 -2.31
CA CYS A 319 8.73 -1.43 -3.00
C CYS A 319 7.47 -0.95 -2.28
N LYS A 320 7.47 -0.96 -0.96
CA LYS A 320 6.29 -0.61 -0.19
C LYS A 320 6.14 0.88 0.04
N MET A 321 7.11 1.71 -0.36
CA MET A 321 6.93 3.15 -0.18
C MET A 321 5.91 3.74 -1.15
N PRO A 322 5.98 3.48 -2.47
CA PRO A 322 5.00 4.09 -3.40
C PRO A 322 3.56 3.92 -2.97
N TYR A 323 3.09 2.67 -2.92
CA TYR A 323 1.73 2.35 -2.48
C TYR A 323 1.41 3.00 -1.15
N HIS A 324 2.40 3.16 -0.28
CA HIS A 324 2.15 3.80 1.00
C HIS A 324 2.35 5.31 0.95
N LEU A 325 2.97 5.85 -0.10
CA LEU A 325 3.00 7.30 -0.19
C LEU A 325 1.74 7.84 -0.86
N VAL A 326 1.25 7.15 -1.90
CA VAL A 326 0.14 7.70 -2.66
C VAL A 326 -1.18 7.53 -1.92
N LYS A 327 -1.47 6.32 -1.40
CA LYS A 327 -2.67 6.15 -0.60
C LYS A 327 -2.72 7.17 0.54
N THR A 328 -1.54 7.62 1.00
CA THR A 328 -1.46 8.61 2.06
C THR A 328 -1.62 10.02 1.51
N LEU A 329 -1.14 10.30 0.30
CA LEU A 329 -1.44 11.60 -0.27
C LEU A 329 -2.92 11.73 -0.68
N TYR A 330 -3.50 10.66 -1.24
CA TYR A 330 -4.87 10.76 -1.75
C TYR A 330 -5.89 10.91 -0.63
N MET A 331 -5.60 10.41 0.57
CA MET A 331 -6.52 10.64 1.67
C MET A 331 -6.19 11.90 2.43
N LEU A 332 -5.02 12.48 2.17
CA LEU A 332 -4.75 13.89 2.38
C LEU A 332 -5.29 14.73 1.24
N GLY A 333 -5.49 14.11 0.06
CA GLY A 333 -5.92 14.83 -1.13
C GLY A 333 -7.42 15.13 -1.21
N SER A 334 -8.23 14.41 -0.43
CA SER A 334 -9.63 14.79 -0.22
C SER A 334 -9.76 15.81 0.90
N LEU A 335 -8.70 15.97 1.74
CA LEU A 335 -8.77 16.75 2.96
C LEU A 335 -7.72 17.85 3.05
N LEU A 336 -6.97 18.10 1.99
CA LEU A 336 -6.35 19.40 1.75
C LEU A 336 -6.91 20.10 0.51
N HIS A 337 -7.72 19.40 -0.29
CA HIS A 337 -8.34 19.92 -1.51
C HIS A 337 -7.31 20.13 -2.61
N TRP A 338 -6.70 19.03 -3.04
CA TRP A 338 -5.74 19.07 -4.12
C TRP A 338 -6.44 19.42 -5.43
N PRO A 339 -5.73 20.13 -6.33
CA PRO A 339 -6.26 20.36 -7.68
C PRO A 339 -6.89 19.13 -8.31
N CYS A 340 -7.82 19.39 -9.23
CA CYS A 340 -8.44 18.33 -10.02
C CYS A 340 -7.40 17.46 -10.71
N ASP A 341 -6.29 18.07 -11.18
CA ASP A 341 -5.23 17.33 -11.83
C ASP A 341 -4.79 16.14 -10.98
N PHE A 342 -4.51 16.44 -9.71
CA PHE A 342 -3.73 15.55 -8.88
C PHE A 342 -4.50 14.28 -8.55
N ASP A 343 -5.68 14.43 -7.95
CA ASP A 343 -6.44 13.27 -7.47
C ASP A 343 -6.58 12.21 -8.55
N LEU A 344 -6.95 12.62 -9.76
CA LEU A 344 -7.02 11.66 -10.85
C LEU A 344 -5.66 11.06 -11.14
N PHE A 345 -4.62 11.91 -11.15
CA PHE A 345 -3.27 11.40 -11.35
C PHE A 345 -3.02 10.22 -10.42
N LEU A 346 -3.08 10.48 -9.11
CA LEU A 346 -2.84 9.47 -8.10
C LEU A 346 -3.78 8.26 -8.19
N MET A 347 -4.91 8.37 -8.89
CA MET A 347 -5.76 7.20 -9.07
C MET A 347 -5.25 6.29 -10.17
N ASN A 348 -4.88 6.86 -11.31
CA ASN A 348 -4.39 6.06 -12.42
C ASN A 348 -2.91 5.76 -12.27
N ILE A 349 -2.32 6.17 -11.14
CA ILE A 349 -0.98 5.77 -10.76
C ILE A 349 -1.03 4.49 -9.93
N PHE A 350 -2.14 4.25 -9.25
CA PHE A 350 -2.17 3.29 -8.15
C PHE A 350 -1.97 1.85 -8.59
N PRO A 351 -2.70 1.31 -9.62
CA PRO A 351 -2.58 -0.12 -9.94
C PRO A 351 -1.14 -0.57 -10.13
N TYR A 352 -0.31 0.38 -10.51
CA TYR A 352 1.14 0.17 -10.54
C TYR A 352 1.70 -0.03 -9.14
N CYS A 353 1.54 0.96 -8.27
CA CYS A 353 2.21 0.90 -6.98
C CYS A 353 1.82 -0.35 -6.22
N THR A 354 0.54 -0.74 -6.30
CA THR A 354 0.13 -2.06 -5.85
C THR A 354 1.05 -3.13 -6.41
N CYS A 355 1.22 -3.12 -7.74
CA CYS A 355 1.85 -4.26 -8.39
C CYS A 355 3.33 -4.34 -8.02
N ILE A 356 4.04 -3.21 -7.88
CA ILE A 356 5.44 -3.34 -7.45
C ILE A 356 5.51 -3.74 -5.98
N SER A 357 4.73 -3.10 -5.12
CA SER A 357 4.74 -3.50 -3.71
C SER A 357 4.31 -4.96 -3.57
N TYR A 358 3.50 -5.46 -4.50
CA TYR A 358 3.16 -6.88 -4.51
C TYR A 358 4.35 -7.77 -4.84
N VAL A 359 5.29 -7.30 -5.68
CA VAL A 359 6.46 -8.16 -6.00
C VAL A 359 7.42 -8.27 -4.82
N ASN A 360 7.37 -7.34 -3.88
CA ASN A 360 8.30 -7.33 -2.76
C ASN A 360 8.22 -8.64 -1.97
N SER A 361 7.24 -9.49 -2.29
CA SER A 361 7.20 -10.82 -1.69
C SER A 361 8.24 -11.72 -2.35
N CYS A 362 8.15 -11.89 -3.68
CA CYS A 362 9.03 -12.81 -4.38
C CYS A 362 10.45 -12.27 -4.57
N LEU A 363 10.91 -11.41 -3.66
CA LEU A 363 12.29 -10.93 -3.68
C LEU A 363 13.11 -11.41 -2.50
N ASN A 364 12.53 -11.45 -1.29
CA ASN A 364 13.25 -12.02 -0.15
C ASN A 364 13.77 -13.41 -0.47
N PRO A 365 13.05 -14.30 -1.16
CA PRO A 365 13.70 -15.53 -1.65
C PRO A 365 14.95 -15.26 -2.47
N PHE A 366 14.92 -14.28 -3.37
CA PHE A 366 16.12 -13.97 -4.13
C PHE A 366 17.20 -13.35 -3.25
N LEU A 367 16.80 -12.47 -2.31
CA LEU A 367 17.81 -11.79 -1.49
C LEU A 367 18.57 -12.79 -0.61
N TYR A 368 17.87 -13.75 0.01
CA TYR A 368 18.58 -14.80 0.75
C TYR A 368 19.57 -15.54 -0.14
N ALA A 369 19.26 -15.70 -1.43
CA ALA A 369 20.21 -16.35 -2.33
C ALA A 369 21.47 -15.52 -2.50
N PHE A 370 21.32 -14.27 -2.96
CA PHE A 370 22.48 -13.43 -3.17
C PHE A 370 23.21 -13.05 -1.88
N PHE A 371 22.66 -13.37 -0.70
CA PHE A 371 23.26 -12.82 0.51
C PHE A 371 23.25 -13.73 1.73
N ASP A 372 22.34 -14.71 1.88
CA ASP A 372 22.38 -15.56 3.08
C ASP A 372 23.27 -16.76 2.86
N PRO A 373 24.36 -16.90 3.57
CA PRO A 373 25.17 -18.12 3.51
C PRO A 373 24.41 -19.40 3.87
N ARG A 374 23.82 -19.47 5.08
CA ARG A 374 23.08 -20.66 5.49
C ARG A 374 22.12 -21.13 4.40
N PHE A 375 21.51 -20.18 3.69
CA PHE A 375 20.56 -20.51 2.65
C PHE A 375 21.25 -21.16 1.46
N ARG A 376 22.20 -20.46 0.82
CA ARG A 376 22.83 -20.96 -0.40
C ARG A 376 23.35 -22.39 -0.22
N GLN A 377 23.98 -22.65 0.92
CA GLN A 377 24.52 -23.97 1.19
C GLN A 377 23.42 -25.02 1.29
N ALA A 378 22.38 -24.72 2.08
CA ALA A 378 21.31 -25.70 2.27
C ALA A 378 20.65 -26.08 0.95
N CYS A 379 20.90 -25.31 -0.12
CA CYS A 379 20.38 -25.64 -1.46
C CYS A 379 21.29 -26.63 -2.17
N THR A 380 22.57 -26.35 -2.20
CA THR A 380 23.42 -27.21 -2.92
C THR A 380 23.25 -28.59 -2.38
N SER A 381 23.08 -28.68 -1.08
CA SER A 381 23.00 -29.98 -0.47
C SER A 381 21.91 -30.90 -0.96
N MET A 382 20.68 -30.42 -1.07
CA MET A 382 19.64 -31.34 -1.52
C MET A 382 19.92 -31.75 -2.93
N LEU A 383 20.38 -30.76 -3.69
CA LEU A 383 20.70 -30.92 -5.11
C LEU A 383 21.43 -32.24 -5.38
N LEU A 384 22.66 -32.33 -4.88
CA LEU A 384 23.48 -33.53 -4.88
C LEU A 384 22.66 -34.83 -4.84
N MET A 385 21.85 -34.96 -3.79
CA MET A 385 21.38 -36.26 -3.31
C MET A 385 20.67 -37.04 -4.41
N GLY A 386 19.55 -36.49 -4.89
CA GLY A 386 18.63 -37.16 -5.80
C GLY A 386 19.10 -38.37 -6.60
N GLN B 1 -25.12 16.28 4.76
CA GLN B 1 -24.16 17.38 4.74
C GLN B 1 -23.83 17.73 3.29
N VAL B 2 -24.68 17.26 2.37
CA VAL B 2 -24.39 17.32 0.94
C VAL B 2 -25.62 17.83 0.19
N GLN B 3 -25.49 18.99 -0.44
CA GLN B 3 -26.61 19.58 -1.16
C GLN B 3 -26.21 19.85 -2.60
N LEU B 4 -27.21 19.82 -3.48
CA LEU B 4 -27.04 19.98 -4.92
C LEU B 4 -28.21 20.80 -5.43
N VAL B 5 -27.94 21.97 -6.02
CA VAL B 5 -29.01 22.90 -6.40
C VAL B 5 -28.98 23.18 -7.91
N GLU B 6 -30.04 22.79 -8.60
CA GLU B 6 -30.12 22.87 -10.07
C GLU B 6 -30.70 24.21 -10.50
N SER B 7 -29.96 24.92 -11.37
CA SER B 7 -30.39 26.24 -11.83
C SER B 7 -30.06 26.45 -13.29
N GLY B 8 -31.06 26.81 -14.08
CA GLY B 8 -30.82 27.17 -15.46
C GLY B 8 -31.97 26.84 -16.39
N GLY B 9 -32.84 25.93 -15.95
CA GLY B 9 -33.79 25.31 -16.84
C GLY B 9 -35.18 25.90 -16.81
N GLY B 10 -35.57 26.54 -17.88
CA GLY B 10 -36.95 26.94 -18.05
C GLY B 10 -37.47 26.40 -19.37
N SER B 11 -38.25 27.23 -20.05
CA SER B 11 -38.84 26.90 -21.34
C SER B 11 -38.00 27.47 -22.48
N VAL B 12 -37.67 26.61 -23.47
CA VAL B 12 -36.97 26.95 -24.72
C VAL B 12 -37.62 26.18 -25.86
N GLN B 13 -37.51 26.73 -27.08
CA GLN B 13 -38.06 26.15 -28.30
C GLN B 13 -36.98 25.40 -29.09
N SER B 14 -37.44 24.48 -29.94
CA SER B 14 -36.60 23.43 -30.53
C SER B 14 -35.34 24.01 -31.17
N GLY B 15 -34.26 23.23 -31.10
CA GLY B 15 -32.97 23.73 -31.55
C GLY B 15 -32.31 24.74 -30.62
N GLY B 16 -32.83 24.92 -29.41
CA GLY B 16 -32.30 25.91 -28.49
C GLY B 16 -31.05 25.44 -27.78
N SER B 17 -30.46 26.36 -27.00
CA SER B 17 -29.20 26.16 -26.27
C SER B 17 -29.38 26.40 -24.78
N LEU B 18 -29.70 25.35 -24.03
CA LEU B 18 -29.82 25.46 -22.58
C LEU B 18 -28.57 24.96 -21.88
N THR B 19 -28.32 25.48 -20.69
CA THR B 19 -27.22 25.01 -19.87
C THR B 19 -27.65 25.06 -18.41
N LEU B 20 -27.40 23.95 -17.69
CA LEU B 20 -27.98 23.69 -16.37
C LEU B 20 -26.86 23.45 -15.36
N SER B 21 -26.68 24.39 -14.43
CA SER B 21 -25.75 24.19 -13.33
C SER B 21 -26.34 23.29 -12.26
N CYS B 22 -25.46 22.52 -11.61
CA CYS B 22 -25.76 21.77 -10.38
C CYS B 22 -24.70 22.22 -9.38
N ALA B 23 -24.96 23.36 -8.72
CA ALA B 23 -24.06 23.85 -7.68
C ALA B 23 -24.10 22.91 -6.50
N ALA B 24 -22.93 22.51 -6.01
CA ALA B 24 -22.85 21.43 -5.05
C ALA B 24 -22.13 21.91 -3.81
N SER B 25 -22.47 21.28 -2.68
CA SER B 25 -21.97 21.66 -1.37
C SER B 25 -21.70 20.40 -0.57
N GLY B 26 -20.62 20.46 0.22
CA GLY B 26 -20.18 19.32 1.03
C GLY B 26 -19.45 18.28 0.20
N SER B 27 -19.86 18.13 -1.05
CA SER B 27 -19.30 17.11 -1.92
C SER B 27 -17.84 17.43 -2.26
N THR B 28 -17.10 16.39 -2.59
CA THR B 28 -15.75 16.54 -3.04
C THR B 28 -15.63 15.84 -4.38
N TYR B 29 -14.89 16.44 -5.29
CA TYR B 29 -14.50 15.67 -6.46
C TYR B 29 -13.79 14.40 -6.04
N SER B 30 -12.86 14.52 -5.08
CA SER B 30 -12.08 13.37 -4.64
C SER B 30 -12.95 12.19 -4.23
N SER B 31 -14.05 12.44 -3.53
CA SER B 31 -14.84 11.35 -2.96
C SER B 31 -16.13 11.08 -3.72
N HIS B 32 -16.55 11.96 -4.62
CA HIS B 32 -17.89 11.92 -5.18
C HIS B 32 -17.87 12.10 -6.69
N CYS B 33 -18.80 11.42 -7.36
CA CYS B 33 -19.10 11.62 -8.78
C CYS B 33 -20.48 12.25 -8.95
N MET B 34 -20.76 12.75 -10.15
CA MET B 34 -21.92 13.59 -10.40
C MET B 34 -22.56 13.17 -11.71
N GLY B 35 -23.90 13.25 -11.79
CA GLY B 35 -24.63 12.83 -12.97
C GLY B 35 -25.96 13.54 -13.04
N TRP B 36 -26.70 13.30 -14.14
CA TRP B 36 -27.96 14.00 -14.41
C TRP B 36 -29.06 13.01 -14.76
N PHE B 37 -30.25 13.18 -14.21
CA PHE B 37 -31.35 12.32 -14.61
C PHE B 37 -32.40 13.21 -15.27
N ARG B 38 -33.64 12.73 -15.34
CA ARG B 38 -34.80 13.56 -15.70
C ARG B 38 -36.06 12.71 -15.59
N GLN B 39 -37.23 13.37 -15.55
CA GLN B 39 -38.53 12.71 -15.62
C GLN B 39 -39.52 13.56 -16.43
N ALA B 40 -40.27 12.88 -17.28
CA ALA B 40 -41.15 13.45 -18.32
C ALA B 40 -42.31 14.40 -18.06
N PRO B 41 -43.13 14.17 -17.03
CA PRO B 41 -43.42 12.91 -16.36
C PRO B 41 -44.45 12.10 -17.12
N GLY B 42 -44.93 11.07 -16.43
CA GLY B 42 -45.82 10.08 -17.01
C GLY B 42 -45.04 8.84 -17.43
N LYS B 43 -43.72 8.97 -17.37
CA LYS B 43 -42.72 7.99 -17.66
C LYS B 43 -41.97 7.73 -16.38
N GLU B 44 -40.81 7.13 -16.54
CA GLU B 44 -39.95 6.77 -15.42
C GLU B 44 -38.78 7.76 -15.32
N ARG B 45 -37.87 7.51 -14.38
CA ARG B 45 -36.61 8.24 -14.33
C ARG B 45 -35.61 7.61 -15.28
N GLU B 46 -34.74 8.44 -15.87
CA GLU B 46 -33.81 7.97 -16.88
C GLU B 46 -32.49 8.70 -16.78
N GLY B 47 -31.40 7.93 -16.79
CA GLY B 47 -30.09 8.56 -16.83
C GLY B 47 -29.91 9.38 -18.08
N VAL B 48 -29.19 10.49 -17.95
CA VAL B 48 -28.93 11.39 -19.08
C VAL B 48 -27.43 11.43 -19.37
N ALA B 49 -26.68 12.16 -18.55
CA ALA B 49 -25.24 12.31 -18.75
C ALA B 49 -24.57 12.20 -17.39
N LEU B 50 -23.85 11.10 -17.17
CA LEU B 50 -23.13 10.90 -15.93
C LEU B 50 -21.65 11.19 -16.11
N MET B 51 -20.93 11.15 -15.00
CA MET B 51 -19.49 11.26 -15.00
C MET B 51 -18.99 9.93 -14.45
N THR B 52 -18.37 9.13 -15.32
CA THR B 52 -17.96 7.79 -15.00
C THR B 52 -16.47 7.73 -14.64
N ARG B 53 -16.10 6.56 -14.11
CA ARG B 53 -14.71 6.21 -13.81
C ARG B 53 -13.96 5.84 -15.08
N SER B 54 -14.58 5.05 -15.96
CA SER B 54 -13.87 4.38 -17.03
C SER B 54 -13.94 5.24 -18.29
N ARG B 55 -15.13 5.36 -18.87
CA ARG B 55 -15.29 6.32 -19.96
C ARG B 55 -15.47 7.73 -19.41
N GLY B 56 -15.18 8.73 -20.21
CA GLY B 56 -15.20 10.04 -19.63
C GLY B 56 -16.53 10.41 -19.08
N THR B 57 -17.56 10.18 -19.86
CA THR B 57 -18.89 10.54 -19.48
C THR B 57 -19.78 9.57 -20.15
N SER B 58 -20.76 9.02 -19.48
CA SER B 58 -21.61 8.06 -20.14
C SER B 58 -22.93 8.66 -20.45
N TYR B 59 -23.08 9.11 -21.68
CA TYR B 59 -24.30 9.74 -22.16
C TYR B 59 -25.32 8.66 -22.47
N ALA B 60 -26.58 9.07 -22.58
CA ALA B 60 -27.59 8.16 -23.07
C ALA B 60 -27.68 8.29 -24.58
N ASP B 61 -28.12 7.20 -25.22
CA ASP B 61 -28.10 7.14 -26.68
C ASP B 61 -28.83 8.33 -27.32
N SER B 62 -29.92 8.79 -26.69
CA SER B 62 -30.73 9.85 -27.28
C SER B 62 -30.04 11.21 -27.22
N VAL B 63 -29.55 11.59 -26.03
CA VAL B 63 -28.92 12.90 -25.85
C VAL B 63 -27.50 12.96 -26.40
N LYS B 64 -26.92 11.82 -26.73
CA LYS B 64 -25.57 11.73 -27.24
C LYS B 64 -25.33 12.72 -28.37
N GLY B 65 -24.15 13.34 -28.37
CA GLY B 65 -23.77 14.30 -29.40
C GLY B 65 -24.49 15.64 -29.35
N ARG B 66 -25.53 15.79 -28.54
CA ARG B 66 -26.19 17.06 -28.39
C ARG B 66 -25.86 17.73 -27.08
N PHE B 67 -25.92 17.00 -25.99
CA PHE B 67 -25.58 17.52 -24.68
C PHE B 67 -24.07 17.48 -24.44
N THR B 68 -23.58 18.48 -23.71
CA THR B 68 -22.22 18.49 -23.21
C THR B 68 -22.26 18.67 -21.70
N ILE B 69 -21.34 18.00 -21.00
CA ILE B 69 -21.36 17.92 -19.53
C ILE B 69 -19.96 18.20 -19.00
N SER B 70 -19.87 18.90 -17.86
CA SER B 70 -18.56 19.14 -17.29
C SER B 70 -18.65 19.39 -15.78
N GLN B 71 -17.59 18.98 -15.08
CA GLN B 71 -17.37 19.25 -13.66
C GLN B 71 -16.48 20.47 -13.48
N ASP B 72 -16.53 21.08 -12.29
CA ASP B 72 -15.65 22.23 -12.00
C ASP B 72 -15.40 22.25 -10.49
N ASN B 73 -14.44 21.43 -10.06
CA ASN B 73 -14.06 21.32 -8.66
C ASN B 73 -13.71 22.68 -8.04
N THR B 74 -13.23 23.63 -8.85
CA THR B 74 -12.88 24.95 -8.32
C THR B 74 -14.07 25.57 -7.60
N LYS B 75 -15.17 25.78 -8.33
CA LYS B 75 -16.42 26.20 -7.71
C LYS B 75 -17.35 25.03 -7.39
N ASN B 76 -16.89 23.79 -7.58
CA ASN B 76 -17.67 22.59 -7.31
C ASN B 76 -19.10 22.69 -7.87
N ILE B 77 -19.23 22.46 -9.18
CA ILE B 77 -20.48 22.59 -9.93
C ILE B 77 -20.44 21.62 -11.11
N LEU B 78 -21.52 20.89 -11.35
CA LEU B 78 -21.64 20.05 -12.54
C LEU B 78 -22.53 20.74 -13.57
N TYR B 79 -22.17 20.64 -14.85
CA TYR B 79 -22.88 21.36 -15.90
C TYR B 79 -23.61 20.40 -16.84
N LEU B 80 -24.47 21.00 -17.67
CA LEU B 80 -25.20 20.24 -18.69
C LEU B 80 -25.56 21.22 -19.81
N GLN B 81 -24.70 21.30 -20.82
CA GLN B 81 -24.89 22.18 -21.97
C GLN B 81 -25.69 21.43 -23.01
N MET B 82 -26.95 21.82 -23.16
CA MET B 82 -27.87 21.18 -24.08
C MET B 82 -28.00 22.02 -25.34
N ASN B 83 -27.60 21.45 -26.48
CA ASN B 83 -27.55 22.16 -27.75
C ASN B 83 -28.43 21.45 -28.77
N SER B 84 -29.24 22.23 -29.52
CA SER B 84 -30.15 21.69 -30.51
C SER B 84 -31.18 20.76 -29.83
N LEU B 85 -32.07 21.39 -29.09
CA LEU B 85 -32.97 20.70 -28.17
C LEU B 85 -34.17 20.08 -28.87
N LYS B 86 -34.55 18.86 -28.45
CA LYS B 86 -35.73 18.14 -28.94
C LYS B 86 -36.86 18.24 -27.92
N PRO B 87 -38.09 18.32 -28.40
CA PRO B 87 -39.24 18.30 -27.48
C PRO B 87 -39.35 17.03 -26.66
N GLU B 88 -38.84 15.91 -27.16
CA GLU B 88 -38.86 14.70 -26.36
C GLU B 88 -37.88 14.77 -25.20
N ASP B 89 -36.94 15.71 -25.25
CA ASP B 89 -36.19 16.18 -24.10
C ASP B 89 -36.95 17.22 -23.28
N THR B 90 -38.28 17.19 -23.30
CA THR B 90 -39.08 17.98 -22.36
C THR B 90 -39.23 17.15 -21.09
N ALA B 91 -38.66 17.65 -20.00
CA ALA B 91 -38.70 16.93 -18.73
C ALA B 91 -38.02 17.71 -17.61
N MET B 92 -38.07 17.16 -16.39
CA MET B 92 -37.53 17.80 -15.20
C MET B 92 -36.25 17.10 -14.80
N TYR B 93 -35.17 17.89 -14.70
CA TYR B 93 -33.82 17.37 -14.57
C TYR B 93 -33.35 17.48 -13.13
N TYR B 94 -32.77 16.41 -12.60
CA TYR B 94 -32.09 16.45 -11.31
C TYR B 94 -30.64 16.06 -11.50
N CYS B 95 -29.77 16.52 -10.58
CA CYS B 95 -28.41 16.00 -10.48
C CYS B 95 -28.30 15.15 -9.23
N ALA B 96 -27.74 13.96 -9.39
CA ALA B 96 -27.35 13.17 -8.25
C ALA B 96 -25.85 13.30 -8.03
N ALA B 97 -25.37 12.51 -7.09
CA ALA B 97 -23.98 12.43 -6.73
C ALA B 97 -23.80 11.14 -5.96
N VAL B 98 -22.58 10.57 -6.01
CA VAL B 98 -22.33 9.24 -5.46
C VAL B 98 -20.89 9.11 -4.94
N PRO B 99 -20.68 8.34 -3.89
CA PRO B 99 -19.32 8.17 -3.41
C PRO B 99 -18.51 7.19 -4.26
N ARG B 100 -17.19 7.38 -4.27
CA ARG B 100 -16.26 6.52 -4.98
C ARG B 100 -15.74 5.46 -4.03
N ALA B 101 -14.59 4.89 -4.32
CA ALA B 101 -14.04 3.91 -3.39
C ALA B 101 -12.53 3.99 -3.21
N GLY B 102 -12.07 3.54 -2.05
CA GLY B 102 -10.65 3.51 -1.79
C GLY B 102 -9.97 3.09 -3.07
N ILE B 103 -8.82 3.70 -3.35
CA ILE B 103 -8.20 3.48 -4.65
C ILE B 103 -7.86 2.01 -4.86
N GLU B 104 -8.02 1.24 -3.80
CA GLU B 104 -7.78 -0.19 -3.92
C GLU B 104 -8.87 -0.76 -4.80
N SER B 105 -9.95 -0.01 -4.99
CA SER B 105 -10.99 -0.42 -5.90
C SER B 105 -10.86 0.23 -7.27
N GLY B 106 -10.29 1.43 -7.33
CA GLY B 106 -10.02 2.09 -8.58
C GLY B 106 -10.57 3.49 -8.65
N ALA B 107 -10.94 4.04 -7.49
CA ALA B 107 -11.71 5.30 -7.42
C ALA B 107 -12.97 5.21 -8.28
N TYR B 108 -13.72 4.14 -8.07
CA TYR B 108 -14.89 3.86 -8.89
C TYR B 108 -16.11 4.49 -8.26
N CYS B 109 -16.87 5.18 -9.09
CA CYS B 109 -18.07 5.87 -8.69
C CYS B 109 -19.08 4.82 -8.42
N LYS B 110 -19.83 4.92 -7.34
CA LYS B 110 -20.87 3.93 -7.06
C LYS B 110 -22.20 4.32 -7.69
N TRP B 111 -22.22 4.50 -9.00
CA TRP B 111 -23.37 4.96 -9.70
C TRP B 111 -24.47 4.03 -9.55
N ASN B 112 -24.20 2.75 -9.64
CA ASN B 112 -25.31 1.84 -9.68
C ASN B 112 -25.74 1.32 -8.37
N MET B 113 -24.86 1.53 -7.43
CA MET B 113 -25.10 0.65 -6.33
C MET B 113 -26.43 0.82 -5.75
N LYS B 114 -26.69 2.06 -5.50
CA LYS B 114 -27.94 2.52 -5.02
C LYS B 114 -27.93 3.93 -5.54
N ASP B 115 -29.10 4.41 -5.87
CA ASP B 115 -29.15 5.77 -6.31
C ASP B 115 -30.12 6.32 -5.34
N SER B 116 -29.62 6.29 -4.12
CA SER B 116 -30.24 6.73 -2.95
C SER B 116 -29.02 7.41 -2.42
N GLY B 117 -28.47 8.31 -3.20
CA GLY B 117 -27.34 9.07 -2.71
C GLY B 117 -27.70 10.53 -2.55
N SER B 118 -26.77 11.43 -2.85
CA SER B 118 -27.06 12.86 -2.80
C SER B 118 -27.82 13.27 -4.03
N TRP B 119 -29.05 13.76 -3.85
CA TRP B 119 -29.89 14.17 -4.96
C TRP B 119 -30.18 15.67 -4.88
N GLY B 120 -31.17 16.11 -5.67
CA GLY B 120 -31.61 17.49 -5.70
C GLY B 120 -33.05 17.59 -6.16
N GLN B 121 -33.60 18.80 -6.09
CA GLN B 121 -35.00 19.03 -6.41
C GLN B 121 -35.28 18.63 -7.82
N GLY B 122 -34.34 18.99 -8.68
CA GLY B 122 -34.43 18.77 -10.10
C GLY B 122 -34.81 20.23 -10.54
N THR B 123 -34.58 20.42 -11.79
CA THR B 123 -34.98 21.62 -12.43
C THR B 123 -35.67 20.95 -13.64
N GLN B 124 -36.63 21.73 -14.11
CA GLN B 124 -37.45 21.34 -15.20
C GLN B 124 -37.18 22.24 -16.39
N VAL B 125 -37.13 21.53 -17.53
CA VAL B 125 -36.87 21.97 -18.90
C VAL B 125 -38.08 21.67 -19.76
N THR B 126 -38.45 22.64 -20.60
CA THR B 126 -39.64 22.61 -21.45
C THR B 126 -39.24 22.89 -22.90
N VAL B 127 -39.55 21.98 -23.82
CA VAL B 127 -39.18 22.16 -25.21
C VAL B 127 -40.46 22.13 -26.03
N SER B 128 -40.79 23.27 -26.65
CA SER B 128 -42.00 23.47 -27.44
C SER B 128 -41.70 23.35 -28.94
N SER B 129 -42.76 23.50 -29.75
CA SER B 129 -42.65 23.37 -31.20
C SER B 129 -42.57 24.71 -31.92
#